data_1ZTW
#
_entry.id   1ZTW
#
_cell.length_a   54.934
_cell.length_b   145.746
_cell.length_c   46.855
_cell.angle_alpha   90.00
_cell.angle_beta   90.00
_cell.angle_gamma   90.00
#
_symmetry.space_group_name_H-M   'P 21 21 2'
#
loop_
_entity.id
_entity.type
_entity.pdbx_description
1 polymer CTTAATTC
2 polymer GAATTAAG
3 polymer 'Reverse transcriptase'
4 water water
#
loop_
_entity_poly.entity_id
_entity_poly.type
_entity_poly.pdbx_seq_one_letter_code
_entity_poly.pdbx_strand_id
1 'polydeoxyribonucleotide' (DC)(DT)(DT)(DA)(DA)(DT)(DT)(DC) B
2 'polydeoxyribonucleotide' (DG)(DA)(DA)(DT)(DT)(DA)(DA)(DG) G
3 'polypeptide(L)'
;TWLSDFPQAWAETGGMGLAVRQAPLIIPLKATSTPVSIKQYPMSQEARLGIKPHIQRLLDQGILVPCQSPWNTPLLPVKK
PGTNDYRPVQDLREVNKRVEDIHPTVPNPYNLLSGLPPSHQWYTVLDLKDAFFCLRLHPTSQPLFAFEWRDPEMGISGQL
TWTRLPQGFKNSPTLFDEALHRDLADFRIQHPDLILLQYVDDLLLAATSELDCQQGTRALLQTLGNLGYRASAKKAQICQ
KQVKYLGYLLKEGQR
;
A
#
loop_
_chem_comp.id
_chem_comp.type
_chem_comp.name
_chem_comp.formula
DA DNA linking 2'-DEOXYADENOSINE-5'-MONOPHOSPHATE 'C10 H14 N5 O6 P'
DC DNA linking 2'-DEOXYCYTIDINE-5'-MONOPHOSPHATE 'C9 H14 N3 O7 P'
DG DNA linking 2'-DEOXYGUANOSINE-5'-MONOPHOSPHATE 'C10 H14 N5 O7 P'
DT DNA linking THYMIDINE-5'-MONOPHOSPHATE 'C10 H15 N2 O8 P'
#
# COMPACT_ATOMS: atom_id res chain seq x y z
N THR C 1 -15.58 -0.58 -21.24
CA THR C 1 -14.47 0.37 -20.97
C THR C 1 -14.55 0.91 -19.54
N TRP C 2 -14.25 0.05 -18.58
CA TRP C 2 -14.29 0.46 -17.17
C TRP C 2 -13.27 1.54 -16.87
N LEU C 3 -12.23 1.61 -17.69
CA LEU C 3 -11.18 2.60 -17.49
C LEU C 3 -11.69 4.03 -17.69
N SER C 4 -12.52 4.23 -18.71
CA SER C 4 -13.06 5.55 -19.00
C SER C 4 -14.20 5.94 -18.06
N ASP C 5 -14.96 4.95 -17.61
CA ASP C 5 -16.09 5.19 -16.72
C ASP C 5 -15.68 5.53 -15.29
N PHE C 6 -14.44 5.23 -14.92
CA PHE C 6 -13.96 5.49 -13.57
C PHE C 6 -12.51 5.96 -13.56
N PRO C 7 -12.25 7.15 -14.15
CA PRO C 7 -10.91 7.74 -14.23
C PRO C 7 -10.21 7.86 -12.89
N GLN C 8 -10.97 8.27 -11.87
CA GLN C 8 -10.44 8.47 -10.53
C GLN C 8 -10.04 7.19 -9.79
N ALA C 9 -10.68 6.07 -10.12
CA ALA C 9 -10.41 4.81 -9.45
C ALA C 9 -9.14 4.07 -9.87
N TRP C 10 -8.62 4.37 -11.05
CA TRP C 10 -7.42 3.69 -11.55
C TRP C 10 -6.12 4.45 -11.38
N ALA C 11 -5.07 3.74 -11.00
CA ALA C 11 -3.76 4.35 -10.81
C ALA C 11 -3.29 4.96 -12.13
N GLU C 12 -3.63 4.30 -13.23
CA GLU C 12 -3.24 4.74 -14.56
C GLU C 12 -3.77 6.11 -14.95
N THR C 13 -4.92 6.51 -14.40
CA THR C 13 -5.51 7.79 -14.74
C THR C 13 -5.89 8.72 -13.59
N GLY C 14 -5.92 8.20 -12.37
CA GLY C 14 -6.31 9.04 -11.25
C GLY C 14 -5.19 9.64 -10.41
N GLY C 15 -3.95 9.39 -10.79
CA GLY C 15 -2.83 9.92 -10.03
C GLY C 15 -2.62 9.17 -8.73
N MET C 16 -1.56 9.52 -8.00
CA MET C 16 -1.24 8.88 -6.73
C MET C 16 -2.40 9.09 -5.76
N GLY C 17 -2.70 8.05 -4.98
CA GLY C 17 -3.80 8.15 -4.04
C GLY C 17 -3.45 8.88 -2.75
N LEU C 18 -4.48 9.06 -1.93
CA LEU C 18 -4.36 9.70 -0.63
C LEU C 18 -5.73 9.43 -0.01
N ALA C 19 -5.75 8.67 1.09
CA ALA C 19 -6.99 8.32 1.79
C ALA C 19 -7.46 9.55 2.58
N VAL C 20 -8.30 10.35 1.95
CA VAL C 20 -8.80 11.59 2.53
C VAL C 20 -9.64 11.51 3.79
N ARG C 21 -10.23 10.35 4.05
CA ARG C 21 -11.08 10.20 5.23
C ARG C 21 -10.31 9.70 6.44
N GLN C 22 -9.07 9.27 6.20
CA GLN C 22 -8.25 8.73 7.28
C GLN C 22 -7.33 9.74 7.94
N ALA C 23 -7.44 9.88 9.26
CA ALA C 23 -6.58 10.82 9.97
C ALA C 23 -5.13 10.38 9.87
N PRO C 24 -4.20 11.34 9.76
CA PRO C 24 -2.78 10.99 9.68
C PRO C 24 -2.44 10.08 10.86
N LEU C 25 -1.72 9.01 10.58
CA LEU C 25 -1.38 8.02 11.59
C LEU C 25 -0.29 8.41 12.58
N ILE C 26 -0.55 8.14 13.86
CA ILE C 26 0.41 8.38 14.93
C ILE C 26 0.93 7.00 15.30
N ILE C 27 2.25 6.85 15.31
CA ILE C 27 2.90 5.58 15.61
C ILE C 27 3.49 5.56 17.02
N PRO C 28 2.82 4.91 17.99
CA PRO C 28 3.31 4.87 19.36
C PRO C 28 4.59 4.06 19.53
N LEU C 29 5.53 4.62 20.28
CA LEU C 29 6.78 3.91 20.55
C LEU C 29 6.64 3.09 21.82
N LYS C 30 7.51 2.12 22.00
CA LYS C 30 7.51 1.32 23.22
C LYS C 30 7.91 2.28 24.35
N ALA C 31 7.52 1.94 25.57
CA ALA C 31 7.77 2.79 26.73
C ALA C 31 9.19 3.24 26.98
N THR C 32 10.19 2.41 26.64
CA THR C 32 11.59 2.77 26.89
C THR C 32 12.40 3.18 25.66
N SER C 33 11.76 3.27 24.51
CA SER C 33 12.49 3.62 23.29
C SER C 33 13.10 5.02 23.22
N THR C 34 14.28 5.09 22.60
CA THR C 34 14.99 6.34 22.40
C THR C 34 15.41 6.27 20.92
N PRO C 35 15.55 7.42 20.23
CA PRO C 35 15.94 7.38 18.82
C PRO C 35 17.25 6.64 18.55
N VAL C 36 17.30 6.00 17.39
CA VAL C 36 18.50 5.29 16.97
C VAL C 36 18.89 5.89 15.62
N SER C 37 20.18 6.20 15.47
CA SER C 37 20.67 6.79 14.24
C SER C 37 21.76 5.88 13.68
N ILE C 38 21.40 5.12 12.65
CA ILE C 38 22.33 4.19 12.03
C ILE C 38 22.96 4.84 10.79
N LYS C 39 24.29 4.85 10.75
CA LYS C 39 25.00 5.44 9.62
C LYS C 39 24.65 4.74 8.32
N GLN C 40 24.63 5.51 7.25
CA GLN C 40 24.32 4.98 5.92
C GLN C 40 25.55 4.31 5.33
N TYR C 41 25.41 3.04 4.95
CA TYR C 41 26.52 2.32 4.35
C TYR C 41 26.85 3.02 3.04
N PRO C 42 28.15 3.23 2.74
CA PRO C 42 28.54 3.90 1.50
C PRO C 42 27.82 3.27 0.31
N MET C 43 27.32 4.10 -0.58
CA MET C 43 26.61 3.62 -1.76
C MET C 43 27.39 3.94 -3.03
N SER C 44 27.50 2.95 -3.91
CA SER C 44 28.21 3.14 -5.17
C SER C 44 27.44 4.12 -6.05
N GLN C 45 28.12 4.70 -7.04
CA GLN C 45 27.45 5.62 -7.93
C GLN C 45 26.39 4.88 -8.73
N GLU C 46 26.67 3.65 -9.13
CA GLU C 46 25.69 2.88 -9.90
C GLU C 46 24.38 2.77 -9.13
N ALA C 47 24.48 2.44 -7.85
CA ALA C 47 23.31 2.28 -7.01
C ALA C 47 22.59 3.63 -6.85
N ARG C 48 23.36 4.67 -6.56
CA ARG C 48 22.79 6.01 -6.39
C ARG C 48 22.06 6.49 -7.65
N LEU C 49 22.65 6.29 -8.82
CA LEU C 49 22.02 6.71 -10.07
C LEU C 49 20.77 5.89 -10.31
N GLY C 50 20.79 4.63 -9.89
CA GLY C 50 19.64 3.77 -10.07
C GLY C 50 18.48 4.17 -9.19
N ILE C 51 18.79 4.56 -7.95
CA ILE C 51 17.78 4.96 -6.98
C ILE C 51 17.26 6.38 -7.17
N LYS C 52 18.14 7.28 -7.62
CA LYS C 52 17.81 8.68 -7.81
C LYS C 52 16.46 9.04 -8.45
N PRO C 53 16.11 8.43 -9.59
CA PRO C 53 14.84 8.74 -10.24
C PRO C 53 13.65 8.49 -9.31
N HIS C 54 13.72 7.40 -8.55
CA HIS C 54 12.64 7.06 -7.63
C HIS C 54 12.50 8.06 -6.51
N ILE C 55 13.63 8.51 -5.95
CA ILE C 55 13.62 9.49 -4.88
C ILE C 55 13.04 10.82 -5.38
N GLN C 56 13.43 11.22 -6.58
CA GLN C 56 12.94 12.47 -7.14
C GLN C 56 11.43 12.44 -7.35
N ARG C 57 10.92 11.32 -7.86
CA ARG C 57 9.48 11.17 -8.08
C ARG C 57 8.71 11.28 -6.78
N LEU C 58 9.24 10.63 -5.73
CA LEU C 58 8.60 10.65 -4.43
C LEU C 58 8.62 12.05 -3.80
N LEU C 59 9.70 12.78 -4.04
CA LEU C 59 9.80 14.15 -3.53
C LEU C 59 8.78 15.01 -4.26
N ASP C 60 8.69 14.83 -5.58
CA ASP C 60 7.73 15.60 -6.37
C ASP C 60 6.30 15.31 -5.95
N GLN C 61 6.03 14.06 -5.57
CA GLN C 61 4.71 13.64 -5.13
C GLN C 61 4.41 14.05 -3.69
N GLY C 62 5.44 14.50 -2.99
CA GLY C 62 5.26 14.91 -1.61
C GLY C 62 5.25 13.76 -0.62
N ILE C 63 5.58 12.57 -1.12
CA ILE C 63 5.62 11.36 -0.29
C ILE C 63 6.90 11.36 0.55
N LEU C 64 7.95 12.00 0.03
CA LEU C 64 9.21 12.16 0.74
C LEU C 64 9.40 13.65 0.93
N VAL C 65 9.98 14.05 2.05
CA VAL C 65 10.25 15.46 2.33
C VAL C 65 11.54 15.58 3.12
N PRO C 66 12.25 16.70 2.95
CA PRO C 66 13.50 16.89 3.68
C PRO C 66 13.20 16.97 5.16
N CYS C 67 14.18 16.65 5.99
CA CYS C 67 14.00 16.73 7.42
C CYS C 67 15.33 16.59 8.16
N GLN C 68 15.28 16.88 9.46
CA GLN C 68 16.42 16.75 10.33
C GLN C 68 15.83 15.93 11.48
N SER C 69 16.29 14.70 11.63
CA SER C 69 15.76 13.81 12.65
C SER C 69 16.84 13.06 13.42
N PRO C 70 16.59 12.78 14.71
CA PRO C 70 17.52 12.05 15.56
C PRO C 70 17.48 10.57 15.18
N TRP C 71 16.51 10.21 14.34
CA TRP C 71 16.37 8.84 13.87
C TRP C 71 16.99 8.75 12.49
N ASN C 72 17.55 7.58 12.16
CA ASN C 72 18.10 7.36 10.84
C ASN C 72 18.34 5.88 10.61
N THR C 73 17.84 5.38 9.49
CA THR C 73 18.02 3.99 9.13
C THR C 73 18.61 3.95 7.73
N PRO C 74 19.37 2.89 7.40
CA PRO C 74 19.99 2.79 6.10
C PRO C 74 19.13 2.37 4.93
N LEU C 75 19.53 2.86 3.75
CA LEU C 75 18.88 2.56 2.50
C LEU C 75 19.75 1.48 1.86
N LEU C 76 19.12 0.56 1.13
CA LEU C 76 19.85 -0.50 0.47
C LEU C 76 19.57 -0.52 -1.03
N PRO C 77 20.63 -0.73 -1.83
CA PRO C 77 20.53 -0.79 -3.29
C PRO C 77 20.06 -2.20 -3.68
N VAL C 78 18.77 -2.35 -3.99
CA VAL C 78 18.23 -3.65 -4.37
C VAL C 78 17.90 -3.76 -5.85
N LYS C 79 18.44 -4.79 -6.49
CA LYS C 79 18.21 -5.04 -7.91
C LYS C 79 17.89 -6.52 -8.10
N LYS C 80 16.60 -6.83 -8.24
CA LYS C 80 16.15 -8.20 -8.41
C LYS C 80 17.00 -9.02 -9.38
N PRO C 81 17.26 -8.50 -10.59
CA PRO C 81 18.07 -9.23 -11.56
C PRO C 81 19.51 -9.41 -11.09
N GLY C 82 20.44 -9.48 -12.04
CA GLY C 82 21.84 -9.64 -11.70
C GLY C 82 22.46 -8.31 -11.33
N THR C 83 22.12 -7.26 -12.08
CA THR C 83 22.63 -5.92 -11.84
C THR C 83 21.75 -4.91 -12.58
N ASN C 84 20.55 -5.35 -12.93
CA ASN C 84 19.60 -4.52 -13.67
C ASN C 84 18.94 -3.44 -12.82
N ASP C 85 17.66 -3.22 -13.07
CA ASP C 85 16.84 -2.22 -12.38
C ASP C 85 17.06 -2.15 -10.87
N TYR C 86 17.04 -0.93 -10.34
CA TYR C 86 17.20 -0.71 -8.91
C TYR C 86 15.90 -0.19 -8.30
N ARG C 87 15.94 0.03 -6.99
CA ARG C 87 14.79 0.52 -6.23
C ARG C 87 15.25 0.64 -4.78
N PRO C 88 14.95 1.76 -4.12
CA PRO C 88 15.37 1.94 -2.73
C PRO C 88 14.60 1.07 -1.74
N VAL C 89 15.35 0.38 -0.88
CA VAL C 89 14.76 -0.48 0.15
C VAL C 89 15.39 -0.05 1.47
N GLN C 90 14.54 0.36 2.40
CA GLN C 90 15.01 0.83 3.70
C GLN C 90 15.02 -0.29 4.74
N ASP C 91 16.09 -0.36 5.51
CA ASP C 91 16.19 -1.38 6.57
C ASP C 91 15.66 -0.74 7.84
N LEU C 92 14.38 -0.96 8.11
CA LEU C 92 13.72 -0.40 9.28
C LEU C 92 13.68 -1.31 10.49
N ARG C 93 14.51 -2.35 10.50
CA ARG C 93 14.47 -3.26 11.63
C ARG C 93 14.73 -2.63 13.00
N GLU C 94 15.64 -1.66 13.08
CA GLU C 94 15.91 -1.03 14.37
C GLU C 94 14.79 -0.09 14.79
N VAL C 95 14.03 0.40 13.83
CA VAL C 95 12.89 1.24 14.14
C VAL C 95 11.77 0.31 14.59
N ASN C 96 11.56 -0.78 13.83
CA ASN C 96 10.50 -1.73 14.17
C ASN C 96 10.62 -2.24 15.61
N LYS C 97 11.85 -2.51 16.05
CA LYS C 97 12.11 -2.99 17.41
C LYS C 97 11.72 -1.98 18.49
N ARG C 98 11.68 -0.70 18.14
CA ARG C 98 11.35 0.33 19.11
C ARG C 98 9.89 0.80 19.09
N VAL C 99 9.13 0.29 18.14
CA VAL C 99 7.72 0.64 17.99
C VAL C 99 6.83 -0.35 18.72
N GLU C 100 5.85 0.16 19.47
CA GLU C 100 4.94 -0.69 20.24
C GLU C 100 4.19 -1.65 19.30
N ASP C 101 4.08 -2.92 19.70
CA ASP C 101 3.38 -3.91 18.89
C ASP C 101 1.87 -3.72 18.88
N ILE C 102 1.23 -4.15 17.79
CA ILE C 102 -0.23 -4.09 17.71
C ILE C 102 -0.72 -5.50 17.38
N HIS C 103 -1.98 -5.78 17.66
CA HIS C 103 -2.51 -7.12 17.39
C HIS C 103 -2.58 -7.34 15.89
N PRO C 104 -2.12 -8.51 15.41
CA PRO C 104 -2.16 -8.80 13.97
C PRO C 104 -3.58 -9.18 13.57
N THR C 105 -4.30 -8.26 12.94
CA THR C 105 -5.69 -8.49 12.56
C THR C 105 -5.93 -8.93 11.12
N VAL C 106 -4.89 -8.98 10.30
CA VAL C 106 -5.04 -9.41 8.93
C VAL C 106 -5.17 -10.94 8.96
N PRO C 107 -6.29 -11.47 8.44
CA PRO C 107 -6.51 -12.92 8.44
C PRO C 107 -5.61 -13.62 7.43
N ASN C 108 -5.26 -14.89 7.67
CA ASN C 108 -4.43 -15.58 6.68
C ASN C 108 -5.34 -15.92 5.51
N PRO C 109 -4.80 -15.90 4.29
CA PRO C 109 -5.58 -16.20 3.08
C PRO C 109 -6.49 -17.42 3.19
N TYR C 110 -6.01 -18.48 3.80
CA TYR C 110 -6.82 -19.69 3.91
C TYR C 110 -8.15 -19.40 4.63
N ASN C 111 -8.07 -18.77 5.80
CA ASN C 111 -9.28 -18.46 6.54
C ASN C 111 -10.13 -17.42 5.83
N LEU C 112 -9.49 -16.45 5.18
CA LEU C 112 -10.25 -15.42 4.48
C LEU C 112 -11.12 -16.03 3.38
N LEU C 113 -10.57 -16.98 2.62
CA LEU C 113 -11.32 -17.60 1.54
C LEU C 113 -12.46 -18.50 2.03
N SER C 114 -12.40 -18.92 3.29
CA SER C 114 -13.45 -19.77 3.84
C SER C 114 -14.77 -19.01 3.86
N GLY C 115 -14.68 -17.69 3.75
CA GLY C 115 -15.87 -16.86 3.76
C GLY C 115 -16.41 -16.55 2.38
N LEU C 116 -16.11 -17.44 1.43
CA LEU C 116 -16.56 -17.26 0.06
C LEU C 116 -17.62 -18.33 -0.25
N PRO C 117 -18.89 -17.92 -0.35
CA PRO C 117 -20.03 -18.83 -0.64
C PRO C 117 -20.03 -19.39 -2.06
N PRO C 118 -20.52 -20.63 -2.23
CA PRO C 118 -20.58 -21.28 -3.54
C PRO C 118 -21.55 -20.57 -4.48
N SER C 119 -22.54 -19.89 -3.88
CA SER C 119 -23.56 -19.18 -4.63
C SER C 119 -23.02 -17.99 -5.43
N HIS C 120 -21.90 -17.44 -4.99
CA HIS C 120 -21.29 -16.31 -5.68
C HIS C 120 -20.17 -16.82 -6.60
N GLN C 121 -20.51 -16.97 -7.88
CA GLN C 121 -19.59 -17.48 -8.88
C GLN C 121 -18.89 -16.41 -9.72
N TRP C 122 -19.43 -15.20 -9.74
CA TRP C 122 -18.82 -14.12 -10.52
C TRP C 122 -17.86 -13.32 -9.67
N TYR C 123 -16.59 -13.32 -10.08
CA TYR C 123 -15.55 -12.63 -9.33
C TYR C 123 -14.91 -11.43 -10.01
N THR C 124 -14.46 -10.50 -9.17
CA THR C 124 -13.78 -9.30 -9.62
C THR C 124 -12.63 -9.13 -8.63
N VAL C 125 -11.41 -9.12 -9.15
CA VAL C 125 -10.24 -8.97 -8.29
C VAL C 125 -9.51 -7.68 -8.64
N LEU C 126 -9.23 -6.88 -7.61
CA LEU C 126 -8.53 -5.63 -7.78
C LEU C 126 -7.38 -5.55 -6.81
N ASP C 127 -6.27 -4.95 -7.23
CA ASP C 127 -5.15 -4.78 -6.32
C ASP C 127 -4.86 -3.28 -6.28
N LEU C 128 -4.83 -2.73 -5.08
CA LEU C 128 -4.57 -1.31 -4.90
C LEU C 128 -3.10 -0.99 -5.08
N LYS C 129 -2.82 0.01 -5.91
CA LYS C 129 -1.46 0.45 -6.19
C LYS C 129 -0.93 1.41 -5.13
N ASP C 130 0.31 1.17 -4.70
CA ASP C 130 0.96 1.99 -3.69
C ASP C 130 0.00 2.24 -2.54
N ALA C 131 -0.62 1.17 -2.07
CA ALA C 131 -1.59 1.23 -0.98
C ALA C 131 -1.12 1.94 0.28
N PHE C 132 0.04 1.54 0.80
CA PHE C 132 0.54 2.17 2.04
C PHE C 132 0.71 3.67 1.87
N PHE C 133 1.21 4.08 0.71
CA PHE C 133 1.44 5.50 0.45
C PHE C 133 0.16 6.33 0.45
N CYS C 134 -0.99 5.66 0.44
CA CYS C 134 -2.26 6.37 0.46
C CYS C 134 -2.59 6.85 1.87
N LEU C 135 -1.95 6.25 2.86
CA LEU C 135 -2.20 6.62 4.25
C LEU C 135 -1.18 7.61 4.80
N ARG C 136 -1.65 8.79 5.20
CA ARG C 136 -0.77 9.81 5.73
C ARG C 136 -0.22 9.46 7.11
N LEU C 137 0.98 9.96 7.38
CA LEU C 137 1.63 9.80 8.68
C LEU C 137 1.52 11.16 9.37
N HIS C 138 1.19 11.15 10.67
CA HIS C 138 1.11 12.40 11.42
C HIS C 138 2.53 13.00 11.46
N PRO C 139 2.64 14.34 11.40
CA PRO C 139 3.97 14.97 11.44
C PRO C 139 4.83 14.55 12.62
N THR C 140 4.21 14.18 13.73
CA THR C 140 4.95 13.78 14.91
C THR C 140 5.65 12.43 14.74
N SER C 141 5.10 11.59 13.87
CA SER C 141 5.68 10.26 13.62
C SER C 141 6.56 10.21 12.37
N GLN C 142 6.52 11.24 11.54
CA GLN C 142 7.33 11.22 10.32
C GLN C 142 8.84 11.09 10.55
N PRO C 143 9.40 11.78 11.55
CA PRO C 143 10.85 11.69 11.81
C PRO C 143 11.39 10.30 12.12
N LEU C 144 10.52 9.41 12.57
CA LEU C 144 10.91 8.05 12.91
C LEU C 144 11.53 7.28 11.74
N PHE C 145 11.09 7.61 10.54
CA PHE C 145 11.50 6.87 9.35
C PHE C 145 12.52 7.55 8.44
N ALA C 146 13.26 8.48 8.99
CA ALA C 146 14.25 9.24 8.23
C ALA C 146 15.44 8.42 7.76
N PHE C 147 15.96 8.79 6.60
CA PHE C 147 17.15 8.16 6.03
C PHE C 147 17.98 9.26 5.37
N GLU C 148 19.23 8.93 5.06
CA GLU C 148 20.13 9.89 4.44
C GLU C 148 20.09 9.85 2.92
N TRP C 149 20.23 11.02 2.30
CA TRP C 149 20.26 11.11 0.85
C TRP C 149 21.08 12.30 0.41
N ARG C 150 22.08 12.06 -0.41
CA ARG C 150 22.94 13.14 -0.89
C ARG C 150 23.37 12.92 -2.34
N ASP C 151 24.09 13.89 -2.87
CA ASP C 151 24.59 13.84 -4.24
C ASP C 151 26.01 14.39 -4.22
N PRO C 152 27.01 13.56 -4.54
CA PRO C 152 28.42 13.99 -4.56
C PRO C 152 28.62 15.32 -5.29
N GLU C 153 27.57 15.78 -5.94
CA GLU C 153 27.59 17.04 -6.68
C GLU C 153 26.23 17.73 -6.54
N MET C 154 26.10 18.54 -5.50
CA MET C 154 24.86 19.26 -5.22
C MET C 154 23.77 18.27 -4.81
N GLY C 155 23.75 17.93 -3.52
CA GLY C 155 22.75 17.01 -3.02
C GLY C 155 21.87 17.65 -1.98
N ILE C 156 20.73 17.02 -1.69
CA ILE C 156 19.79 17.55 -0.71
C ILE C 156 20.51 17.80 0.62
N SER C 157 19.90 18.61 1.46
CA SER C 157 20.46 18.95 2.78
C SER C 157 21.17 17.74 3.40
N GLY C 158 20.38 16.75 3.81
CA GLY C 158 20.96 15.58 4.42
C GLY C 158 19.98 14.41 4.52
N GLN C 159 18.96 14.56 5.35
CA GLN C 159 17.97 13.50 5.53
C GLN C 159 16.64 13.78 4.83
N LEU C 160 15.92 12.70 4.57
CA LEU C 160 14.60 12.75 3.98
C LEU C 160 13.75 11.79 4.80
N THR C 161 12.44 12.01 4.83
CA THR C 161 11.58 11.06 5.52
C THR C 161 10.26 10.96 4.81
N TRP C 162 9.47 9.96 5.20
CA TRP C 162 8.18 9.68 4.60
C TRP C 162 7.02 10.44 5.24
N THR C 163 6.06 10.86 4.41
CA THR C 163 4.89 11.58 4.91
C THR C 163 3.70 10.61 4.84
N ARG C 164 3.96 9.40 4.38
CA ARG C 164 2.95 8.36 4.26
C ARG C 164 3.47 7.07 4.89
N LEU C 165 2.58 6.14 5.18
CA LEU C 165 2.94 4.85 5.77
C LEU C 165 4.00 4.19 4.87
N PRO C 166 5.19 3.92 5.44
CA PRO C 166 6.25 3.31 4.61
C PRO C 166 6.38 1.81 4.48
N GLN C 167 7.04 1.41 3.41
CA GLN C 167 7.32 0.00 3.16
C GLN C 167 8.38 -0.39 4.18
N GLY C 168 8.38 -1.65 4.61
CA GLY C 168 9.39 -2.09 5.56
C GLY C 168 9.06 -1.90 7.03
N PHE C 169 8.01 -1.13 7.31
CA PHE C 169 7.58 -0.87 8.68
C PHE C 169 6.69 -2.04 9.08
N LYS C 170 6.98 -2.64 10.23
CA LYS C 170 6.28 -3.83 10.69
C LYS C 170 4.76 -3.78 10.79
N ASN C 171 4.22 -2.60 11.09
CA ASN C 171 2.78 -2.48 11.23
C ASN C 171 2.03 -1.96 10.00
N SER C 172 2.72 -1.70 8.90
CA SER C 172 2.04 -1.17 7.72
C SER C 172 0.90 -2.03 7.19
N PRO C 173 1.13 -3.34 7.00
CA PRO C 173 0.04 -4.17 6.48
C PRO C 173 -1.22 -4.13 7.34
N THR C 174 -1.04 -4.29 8.64
CA THR C 174 -2.15 -4.29 9.57
C THR C 174 -2.86 -2.94 9.61
N LEU C 175 -2.09 -1.86 9.68
CA LEU C 175 -2.69 -0.54 9.72
C LEU C 175 -3.44 -0.24 8.43
N PHE C 176 -2.90 -0.67 7.30
CA PHE C 176 -3.60 -0.40 6.05
C PHE C 176 -4.89 -1.21 5.98
N ASP C 177 -4.82 -2.48 6.33
CA ASP C 177 -5.99 -3.36 6.28
C ASP C 177 -7.11 -2.79 7.17
N GLU C 178 -6.73 -2.33 8.35
CA GLU C 178 -7.72 -1.79 9.28
C GLU C 178 -8.32 -0.48 8.74
N ALA C 179 -7.50 0.34 8.11
CA ALA C 179 -8.00 1.61 7.56
C ALA C 179 -8.96 1.39 6.41
N LEU C 180 -8.63 0.45 5.52
CA LEU C 180 -9.50 0.20 4.38
C LEU C 180 -10.81 -0.40 4.86
N HIS C 181 -10.75 -1.22 5.90
CA HIS C 181 -11.98 -1.81 6.45
C HIS C 181 -12.90 -0.69 6.95
N ARG C 182 -12.33 0.32 7.60
CA ARG C 182 -13.16 1.43 8.08
C ARG C 182 -13.76 2.19 6.91
N ASP C 183 -12.96 2.41 5.87
CA ASP C 183 -13.42 3.15 4.69
C ASP C 183 -14.44 2.39 3.84
N LEU C 184 -14.42 1.07 3.90
CA LEU C 184 -15.35 0.28 3.09
C LEU C 184 -16.53 -0.28 3.89
N ALA C 185 -16.67 0.14 5.14
CA ALA C 185 -17.75 -0.34 5.99
C ALA C 185 -19.12 0.00 5.39
N ASP C 186 -19.28 1.23 4.92
CA ASP C 186 -20.54 1.65 4.34
C ASP C 186 -20.87 0.85 3.08
N PHE C 187 -19.88 0.67 2.22
CA PHE C 187 -20.08 -0.08 0.99
C PHE C 187 -20.67 -1.45 1.29
N ARG C 188 -20.13 -2.14 2.29
CA ARG C 188 -20.63 -3.45 2.67
C ARG C 188 -22.10 -3.35 3.08
N ILE C 189 -22.42 -2.33 3.85
CA ILE C 189 -23.80 -2.11 4.32
C ILE C 189 -24.74 -1.79 3.17
N GLN C 190 -24.24 -1.10 2.15
CA GLN C 190 -25.07 -0.73 1.01
C GLN C 190 -25.20 -1.85 -0.02
N HIS C 191 -24.40 -2.89 0.13
CA HIS C 191 -24.43 -4.02 -0.79
C HIS C 191 -24.41 -5.34 -0.02
N PRO C 192 -25.51 -5.64 0.69
CA PRO C 192 -25.67 -6.85 1.50
C PRO C 192 -25.51 -8.17 0.72
N ASP C 193 -25.89 -8.15 -0.55
CA ASP C 193 -25.81 -9.34 -1.38
C ASP C 193 -24.41 -9.63 -1.93
N LEU C 194 -23.52 -8.66 -1.82
CA LEU C 194 -22.16 -8.83 -2.32
C LEU C 194 -21.19 -9.34 -1.27
N ILE C 195 -20.21 -10.12 -1.73
CA ILE C 195 -19.19 -10.67 -0.86
C ILE C 195 -17.90 -9.92 -1.17
N LEU C 196 -17.29 -9.32 -0.15
CA LEU C 196 -16.06 -8.58 -0.34
C LEU C 196 -14.98 -9.10 0.58
N LEU C 197 -13.89 -9.60 0.00
CA LEU C 197 -12.78 -10.12 0.76
C LEU C 197 -11.63 -9.14 0.64
N GLN C 198 -11.04 -8.78 1.78
CA GLN C 198 -9.92 -7.84 1.81
C GLN C 198 -8.70 -8.46 2.45
N TYR C 199 -7.56 -8.41 1.74
CA TYR C 199 -6.31 -8.93 2.27
C TYR C 199 -5.32 -7.80 1.98
N VAL C 200 -5.28 -6.83 2.89
CA VAL C 200 -4.44 -5.64 2.75
C VAL C 200 -4.81 -4.90 1.46
N ASP C 201 -3.97 -4.99 0.43
CA ASP C 201 -4.26 -4.29 -0.82
C ASP C 201 -4.88 -5.14 -1.94
N ASP C 202 -5.22 -6.39 -1.61
CA ASP C 202 -5.81 -7.29 -2.60
C ASP C 202 -7.28 -7.53 -2.29
N LEU C 203 -8.15 -7.12 -3.22
CA LEU C 203 -9.59 -7.23 -3.02
C LEU C 203 -10.30 -8.21 -3.94
N LEU C 204 -11.26 -8.95 -3.38
CA LEU C 204 -12.04 -9.91 -4.15
C LEU C 204 -13.51 -9.59 -3.94
N LEU C 205 -14.22 -9.27 -5.01
CA LEU C 205 -15.64 -8.98 -4.94
C LEU C 205 -16.36 -10.13 -5.62
N ALA C 206 -17.29 -10.76 -4.91
CA ALA C 206 -18.04 -11.89 -5.46
C ALA C 206 -19.52 -11.59 -5.51
N ALA C 207 -20.17 -12.03 -6.59
CA ALA C 207 -21.59 -11.80 -6.77
C ALA C 207 -22.27 -13.06 -7.31
N THR C 208 -23.59 -13.09 -7.26
CA THR C 208 -24.36 -14.23 -7.73
C THR C 208 -24.52 -14.26 -9.24
N SER C 209 -24.62 -13.09 -9.85
CA SER C 209 -24.78 -13.00 -11.30
C SER C 209 -23.78 -12.03 -11.92
N GLU C 210 -23.64 -12.10 -13.24
CA GLU C 210 -22.72 -11.22 -13.96
C GLU C 210 -23.18 -9.78 -13.80
N LEU C 211 -24.50 -9.59 -13.84
CA LEU C 211 -25.09 -8.27 -13.70
C LEU C 211 -24.73 -7.65 -12.35
N ASP C 212 -24.98 -8.39 -11.27
CA ASP C 212 -24.67 -7.91 -9.93
C ASP C 212 -23.18 -7.61 -9.78
N CYS C 213 -22.35 -8.47 -10.36
CA CYS C 213 -20.90 -8.27 -10.29
C CYS C 213 -20.52 -7.01 -11.06
N GLN C 214 -21.26 -6.72 -12.13
CA GLN C 214 -21.01 -5.54 -12.94
C GLN C 214 -21.33 -4.28 -12.14
N GLN C 215 -22.57 -4.22 -11.65
CA GLN C 215 -23.03 -3.07 -10.87
C GLN C 215 -22.20 -2.95 -9.59
N GLY C 216 -21.92 -4.08 -8.96
CA GLY C 216 -21.14 -4.07 -7.75
C GLY C 216 -19.74 -3.52 -7.99
N THR C 217 -19.10 -3.97 -9.05
CA THR C 217 -17.76 -3.51 -9.40
C THR C 217 -17.77 -2.01 -9.68
N ARG C 218 -18.80 -1.56 -10.40
CA ARG C 218 -18.92 -0.14 -10.72
C ARG C 218 -19.00 0.66 -9.43
N ALA C 219 -19.78 0.15 -8.47
CA ALA C 219 -19.96 0.82 -7.19
C ALA C 219 -18.68 0.79 -6.35
N LEU C 220 -17.95 -0.31 -6.40
CA LEU C 220 -16.71 -0.43 -5.63
C LEU C 220 -15.63 0.49 -6.18
N LEU C 221 -15.54 0.56 -7.50
CA LEU C 221 -14.55 1.41 -8.14
C LEU C 221 -14.85 2.87 -7.86
N GLN C 222 -16.13 3.23 -7.92
CA GLN C 222 -16.53 4.59 -7.65
C GLN C 222 -16.18 4.97 -6.22
N THR C 223 -16.50 4.06 -5.30
CA THR C 223 -16.23 4.26 -3.88
C THR C 223 -14.73 4.37 -3.60
N LEU C 224 -13.95 3.45 -4.14
CA LEU C 224 -12.50 3.47 -3.94
C LEU C 224 -11.88 4.76 -4.44
N GLY C 225 -12.27 5.16 -5.65
CA GLY C 225 -11.74 6.40 -6.21
C GLY C 225 -12.07 7.60 -5.35
N ASN C 226 -13.32 7.67 -4.91
CA ASN C 226 -13.79 8.77 -4.07
C ASN C 226 -13.04 8.86 -2.74
N LEU C 227 -12.73 7.70 -2.16
CA LEU C 227 -12.03 7.64 -0.88
C LEU C 227 -10.55 7.97 -1.03
N GLY C 228 -10.05 7.93 -2.26
CA GLY C 228 -8.66 8.26 -2.50
C GLY C 228 -7.74 7.09 -2.77
N TYR C 229 -8.28 5.89 -2.94
CA TYR C 229 -7.46 4.71 -3.21
C TYR C 229 -7.38 4.54 -4.73
N ARG C 230 -6.39 3.79 -5.19
CA ARG C 230 -6.22 3.57 -6.63
C ARG C 230 -5.94 2.11 -6.93
N ALA C 231 -6.68 1.56 -7.90
CA ALA C 231 -6.51 0.17 -8.29
C ALA C 231 -5.72 0.07 -9.59
N SER C 232 -5.11 -1.09 -9.82
CA SER C 232 -4.34 -1.32 -11.04
C SER C 232 -5.24 -1.75 -12.19
N ALA C 233 -5.38 -0.90 -13.20
CA ALA C 233 -6.22 -1.23 -14.34
C ALA C 233 -5.56 -2.37 -15.11
N LYS C 234 -4.23 -2.35 -15.14
CA LYS C 234 -3.45 -3.37 -15.83
C LYS C 234 -3.71 -4.78 -15.33
N LYS C 235 -3.67 -4.96 -14.02
CA LYS C 235 -3.87 -6.28 -13.41
C LYS C 235 -5.32 -6.63 -13.08
N ALA C 236 -6.22 -5.65 -13.19
CA ALA C 236 -7.63 -5.86 -12.88
C ALA C 236 -8.28 -7.04 -13.60
N GLN C 237 -9.03 -7.83 -12.85
CA GLN C 237 -9.77 -8.99 -13.39
C GLN C 237 -11.23 -8.68 -13.09
N ILE C 238 -11.93 -8.16 -14.09
CA ILE C 238 -13.32 -7.76 -13.93
C ILE C 238 -14.38 -8.75 -14.42
N CYS C 239 -15.36 -9.00 -13.55
CA CYS C 239 -16.48 -9.90 -13.81
C CYS C 239 -16.09 -11.15 -14.59
N GLN C 240 -15.33 -12.02 -13.94
CA GLN C 240 -14.88 -13.27 -14.54
C GLN C 240 -15.33 -14.41 -13.65
N LYS C 241 -15.64 -15.55 -14.26
CA LYS C 241 -16.06 -16.70 -13.47
C LYS C 241 -14.81 -17.46 -13.03
N GLN C 242 -13.67 -16.95 -13.46
CA GLN C 242 -12.37 -17.55 -13.12
C GLN C 242 -11.35 -16.43 -12.90
N VAL C 243 -10.77 -16.39 -11.71
CA VAL C 243 -9.78 -15.37 -11.39
C VAL C 243 -8.66 -15.87 -10.49
N LYS C 244 -7.54 -15.16 -10.51
CA LYS C 244 -6.41 -15.51 -9.67
C LYS C 244 -6.45 -14.55 -8.48
N TYR C 245 -6.53 -15.11 -7.27
CA TYR C 245 -6.58 -14.29 -6.06
C TYR C 245 -5.73 -14.90 -4.96
N LEU C 246 -4.76 -14.14 -4.47
CA LEU C 246 -3.88 -14.58 -3.39
C LEU C 246 -3.22 -15.91 -3.67
N GLY C 247 -2.72 -16.08 -4.89
CA GLY C 247 -2.05 -17.32 -5.25
C GLY C 247 -2.97 -18.46 -5.62
N TYR C 248 -4.27 -18.29 -5.41
CA TYR C 248 -5.24 -19.33 -5.75
C TYR C 248 -5.94 -19.04 -7.06
N LEU C 249 -6.47 -20.08 -7.68
CA LEU C 249 -7.21 -19.95 -8.92
C LEU C 249 -8.64 -20.28 -8.55
N LEU C 250 -9.51 -19.28 -8.54
CA LEU C 250 -10.91 -19.48 -8.20
C LEU C 250 -11.68 -19.88 -9.45
N LYS C 251 -12.19 -21.10 -9.45
CA LYS C 251 -12.94 -21.62 -10.59
C LYS C 251 -13.93 -22.70 -10.15
N GLU C 252 -15.16 -22.62 -10.66
CA GLU C 252 -16.20 -23.59 -10.33
C GLU C 252 -16.50 -23.59 -8.84
N GLY C 253 -15.91 -22.66 -8.10
CA GLY C 253 -16.14 -22.59 -6.67
C GLY C 253 -15.08 -23.34 -5.90
N GLN C 254 -14.06 -23.82 -6.61
CA GLN C 254 -12.98 -24.57 -5.98
C GLN C 254 -11.89 -23.63 -5.47
N ARG C 255 -11.33 -23.98 -4.32
CA ARG C 255 -10.28 -23.20 -3.68
C ARG C 255 -10.85 -21.96 -2.99
#